data_7XS2
#
_entry.id   7XS2
#
_cell.length_a   146.199
_cell.length_b   146.199
_cell.length_c   94.231
_cell.angle_alpha   90.000
_cell.angle_beta   90.000
_cell.angle_gamma   120.000
#
_symmetry.space_group_name_H-M   'P 64 2 2'
#
loop_
_entity.id
_entity.type
_entity.pdbx_description
1 polymer 'Periplasmic serine endoprotease DegP-like'
2 water water
#
_entity_poly.entity_id   1
_entity_poly.type   'polypeptide(L)'
_entity_poly.pdbx_seq_one_letter_code
;MGHHHHHHSYHDSIKDSIKAVVNISTEKKIKNNFIGGGVFNDPFFQQFFGDLGGMIPKERMERALGSGVIISKDGYIVTN
NHVIDGADKIKVTIPGSNKEYSATLVGTDSESDLAVIRITKDNLPTIKFSDSNDISVGDLVFAIGNPFGVGESVTQGIVS
ALNKSGIGINSYENFIQTDASINPGNSGGALIDSRGGLVGINTAIISKTGGNHGIGFAIPSNMVKDTVTQLIKTGKIERG
YLGVGLQDLSGDLQNSYDNKEGAVVISVEKDSPAKKAGILVWDLITEVNGKKVKNTNELRNLIGSMLPNQRVTLKVIRDK
KERAFTLTLAERKNPNKKETISAQNGAQGQLNGLQVEDLTQETKRSMRLSDDVQGVLVSQVNENSPAEQAGFRQGNIITK
IEEVEVKSVADFNHALEKYKGKPKRFLVLDLNQGYRIILVK
;
_entity_poly.pdbx_strand_id   A
#
# COMPACT_ATOMS: atom_id res chain seq x y z
N ASP A 12 18.77 13.46 -12.56
CA ASP A 12 18.59 14.44 -13.62
C ASP A 12 17.30 15.24 -13.41
N SER A 13 16.25 14.56 -12.94
CA SER A 13 14.90 15.12 -12.86
C SER A 13 14.64 15.84 -11.53
N ILE A 14 15.68 16.42 -10.91
CA ILE A 14 15.47 17.16 -9.67
C ILE A 14 14.56 18.34 -9.89
N LYS A 15 14.68 19.00 -11.05
CA LYS A 15 13.85 20.15 -11.37
C LYS A 15 12.35 19.84 -11.24
N ASP A 16 11.91 18.73 -11.82
CA ASP A 16 10.47 18.42 -11.81
C ASP A 16 10.00 18.09 -10.41
N SER A 17 10.81 17.37 -9.62
CA SER A 17 10.43 17.10 -8.24
C SER A 17 10.20 18.40 -7.45
N ILE A 18 11.02 19.42 -7.68
CA ILE A 18 10.76 20.67 -6.99
C ILE A 18 9.44 21.26 -7.47
N LYS A 19 9.18 21.17 -8.78
CA LYS A 19 7.95 21.75 -9.32
C LYS A 19 6.71 21.01 -8.82
N ALA A 20 6.85 19.76 -8.40
CA ALA A 20 5.71 18.91 -8.08
C ALA A 20 5.36 18.88 -6.60
N VAL A 21 6.00 19.67 -5.76
CA VAL A 21 5.69 19.64 -4.33
C VAL A 21 4.84 20.86 -4.02
N VAL A 22 3.61 20.62 -3.60
CA VAL A 22 2.60 21.65 -3.51
C VAL A 22 2.34 21.98 -2.05
N ASN A 23 1.73 23.13 -1.84
CA ASN A 23 1.26 23.52 -0.53
C ASN A 23 -0.21 23.13 -0.39
N ILE A 24 -0.58 22.65 0.78
CA ILE A 24 -1.96 22.34 1.12
C ILE A 24 -2.38 23.24 2.28
N SER A 25 -3.56 23.84 2.17
CA SER A 25 -4.07 24.72 3.22
C SER A 25 -5.58 24.59 3.32
N THR A 26 -6.15 25.22 4.35
CA THR A 26 -7.60 25.27 4.55
C THR A 26 -8.15 26.52 3.87
N ARG A 63 -5.73 28.15 7.32
CA ARG A 63 -4.29 28.27 7.52
C ARG A 63 -3.52 27.10 6.87
N ALA A 64 -2.20 27.25 6.75
CA ALA A 64 -1.37 26.28 6.05
C ALA A 64 -1.38 24.93 6.77
N LEU A 65 -1.76 23.88 6.03
CA LEU A 65 -1.79 22.56 6.63
C LEU A 65 -0.46 21.82 6.49
N GLY A 66 0.21 21.93 5.34
CA GLY A 66 1.38 21.10 5.07
C GLY A 66 1.65 21.03 3.57
N SER A 67 2.39 19.98 3.18
CA SER A 67 2.81 19.80 1.79
C SER A 67 2.15 18.55 1.19
N GLY A 68 2.32 18.41 -0.12
CA GLY A 68 1.88 17.22 -0.80
C GLY A 68 2.70 17.06 -2.05
N VAL A 69 2.54 15.91 -2.70
CA VAL A 69 3.30 15.60 -3.91
C VAL A 69 2.33 15.19 -5.00
N ILE A 70 2.39 15.87 -6.14
CA ILE A 70 1.61 15.47 -7.31
C ILE A 70 2.17 14.16 -7.86
N ILE A 71 1.34 13.12 -7.93
CA ILE A 71 1.88 11.87 -8.43
C ILE A 71 1.14 11.39 -9.68
N SER A 72 0.39 12.28 -10.34
CA SER A 72 -0.14 11.98 -11.66
C SER A 72 -0.39 13.28 -12.41
N LYS A 73 0.04 13.34 -13.68
CA LYS A 73 -0.24 14.49 -14.53
C LYS A 73 -1.71 14.88 -14.47
N ASP A 74 -2.58 13.87 -14.30
CA ASP A 74 -4.01 13.97 -14.08
C ASP A 74 -4.39 15.07 -13.10
N GLY A 75 -4.01 14.93 -11.82
CA GLY A 75 -4.43 15.84 -10.78
C GLY A 75 -4.34 15.24 -9.38
N TYR A 76 -3.78 14.03 -9.26
CA TYR A 76 -3.76 13.34 -7.98
C TYR A 76 -2.54 13.74 -7.17
N ILE A 77 -2.74 13.90 -5.87
CA ILE A 77 -1.73 14.41 -4.94
C ILE A 77 -1.76 13.55 -3.68
N VAL A 78 -0.60 13.06 -3.27
CA VAL A 78 -0.48 12.31 -2.02
C VAL A 78 0.06 13.25 -0.95
N THR A 79 -0.37 13.02 0.30
CA THR A 79 0.14 13.76 1.46
C THR A 79 -0.02 12.89 2.70
N ASN A 80 0.33 13.42 3.87
CA ASN A 80 -0.01 12.69 5.08
C ASN A 80 -1.51 12.79 5.34
N ASN A 81 -2.07 11.72 5.92
CA ASN A 81 -3.43 11.80 6.40
C ASN A 81 -3.58 12.85 7.50
N HIS A 82 -2.58 12.99 8.38
CA HIS A 82 -2.75 13.97 9.44
C HIS A 82 -2.68 15.39 8.93
N VAL A 83 -2.12 15.62 7.75
CA VAL A 83 -2.13 16.98 7.20
C VAL A 83 -3.56 17.43 6.90
N ILE A 84 -4.33 16.58 6.21
CA ILE A 84 -5.69 16.99 5.78
C ILE A 84 -6.77 16.57 6.75
N ASP A 85 -6.42 15.85 7.81
CA ASP A 85 -7.41 15.30 8.74
C ASP A 85 -8.23 16.42 9.36
N GLY A 86 -9.52 16.46 9.03
CA GLY A 86 -10.45 17.40 9.61
C GLY A 86 -10.74 18.61 8.76
N ALA A 87 -9.99 18.84 7.69
CA ALA A 87 -10.22 20.02 6.86
C ALA A 87 -11.39 19.80 5.92
N ASP A 88 -12.14 20.88 5.67
CA ASP A 88 -13.18 20.86 4.64
C ASP A 88 -12.69 21.59 3.40
N LYS A 89 -12.62 22.92 3.49
CA LYS A 89 -12.01 23.67 2.40
C LYS A 89 -10.56 23.21 2.32
N ILE A 90 -10.20 22.52 1.24
CA ILE A 90 -8.80 22.15 1.00
C ILE A 90 -8.36 22.83 -0.28
N LYS A 91 -7.28 23.59 -0.20
CA LYS A 91 -6.76 24.36 -1.30
C LYS A 91 -5.32 23.96 -1.59
N VAL A 92 -4.98 23.88 -2.87
CA VAL A 92 -3.66 23.47 -3.31
C VAL A 92 -2.99 24.64 -4.04
N THR A 93 -1.75 24.92 -3.70
CA THR A 93 -0.95 25.92 -4.39
C THR A 93 0.25 25.23 -5.02
N ILE A 94 0.42 25.39 -6.32
CA ILE A 94 1.47 24.75 -7.10
C ILE A 94 2.63 25.74 -7.17
N PRO A 95 3.89 25.30 -7.04
CA PRO A 95 5.01 26.23 -7.14
C PRO A 95 4.98 27.02 -8.43
N GLY A 96 5.47 28.25 -8.36
CA GLY A 96 5.57 29.13 -9.49
C GLY A 96 4.36 30.01 -9.72
N SER A 97 3.20 29.61 -9.22
CA SER A 97 1.97 30.36 -9.44
C SER A 97 1.26 30.63 -8.12
N ASN A 98 0.63 31.80 -8.04
CA ASN A 98 -0.11 32.19 -6.85
C ASN A 98 -1.50 31.54 -6.78
N LYS A 99 -2.01 31.04 -7.90
CA LYS A 99 -3.38 30.56 -7.98
C LYS A 99 -3.61 29.37 -7.04
N GLU A 100 -4.82 29.30 -6.49
CA GLU A 100 -5.23 28.22 -5.60
C GLU A 100 -6.23 27.33 -6.30
N TYR A 101 -6.15 26.03 -6.03
CA TYR A 101 -6.99 25.03 -6.67
C TYR A 101 -7.81 24.33 -5.59
N SER A 102 -9.12 24.33 -5.75
CA SER A 102 -9.93 23.56 -4.83
C SER A 102 -9.67 22.08 -5.05
N ALA A 103 -9.41 21.37 -3.96
CA ALA A 103 -9.05 19.96 -4.01
C ALA A 103 -10.16 19.14 -3.38
N THR A 104 -10.33 17.92 -3.88
CA THR A 104 -11.31 17.00 -3.35
C THR A 104 -10.59 15.82 -2.72
N LEU A 105 -11.16 15.30 -1.64
CA LEU A 105 -10.56 14.17 -0.95
C LEU A 105 -10.88 12.90 -1.71
N VAL A 106 -9.85 12.21 -2.21
CA VAL A 106 -10.06 10.96 -2.92
C VAL A 106 -10.15 9.78 -1.97
N GLY A 107 -9.33 9.78 -0.92
CA GLY A 107 -9.36 8.69 0.04
C GLY A 107 -8.32 8.93 1.09
N THR A 108 -8.42 8.17 2.17
CA THR A 108 -7.49 8.28 3.28
C THR A 108 -7.04 6.89 3.68
N ASP A 109 -5.88 6.83 4.32
CA ASP A 109 -5.29 5.59 4.82
C ASP A 109 -4.63 5.96 6.16
N SER A 110 -5.46 6.11 7.20
CA SER A 110 -4.93 6.59 8.47
C SER A 110 -3.84 5.67 9.01
N GLU A 111 -4.02 4.35 8.82
CA GLU A 111 -3.07 3.38 9.34
C GLU A 111 -1.66 3.64 8.85
N SER A 112 -1.52 4.09 7.60
CA SER A 112 -0.21 4.47 7.08
C SER A 112 0.02 5.98 7.15
N ASP A 113 -0.94 6.74 7.67
CA ASP A 113 -0.84 8.20 7.70
C ASP A 113 -0.60 8.74 6.30
N LEU A 114 -1.45 8.33 5.37
CA LEU A 114 -1.44 8.84 4.01
C LEU A 114 -2.85 9.20 3.60
N ALA A 115 -2.94 10.04 2.59
CA ALA A 115 -4.20 10.48 2.03
C ALA A 115 -3.92 10.99 0.63
N VAL A 116 -4.96 10.97 -0.19
CA VAL A 116 -4.85 11.38 -1.59
C VAL A 116 -5.94 12.41 -1.87
N ILE A 117 -5.56 13.51 -2.50
CA ILE A 117 -6.52 14.51 -2.95
C ILE A 117 -6.32 14.70 -4.46
N ARG A 118 -7.24 15.45 -5.06
CA ARG A 118 -7.19 15.68 -6.50
C ARG A 118 -7.61 17.12 -6.83
N ILE A 119 -6.91 17.73 -7.78
CA ILE A 119 -7.28 19.03 -8.32
C ILE A 119 -7.59 18.85 -9.80
N THR A 120 -8.33 19.80 -10.36
CA THR A 120 -8.75 19.72 -11.76
C THR A 120 -7.84 20.64 -12.58
N LYS A 121 -6.68 20.12 -12.91
CA LYS A 121 -5.74 20.75 -13.82
C LYS A 121 -4.93 19.62 -14.44
N ASP A 122 -4.54 19.78 -15.69
CA ASP A 122 -3.69 18.81 -16.34
C ASP A 122 -2.36 19.48 -16.64
N ASN A 123 -1.47 18.74 -17.31
CA ASN A 123 -0.12 19.18 -17.60
C ASN A 123 0.66 19.42 -16.31
N LEU A 124 0.33 18.65 -15.29
CA LEU A 124 0.96 18.78 -13.99
C LEU A 124 2.35 18.16 -14.01
N PRO A 125 3.35 18.83 -13.42
CA PRO A 125 4.59 18.13 -13.10
C PRO A 125 4.27 17.02 -12.11
N THR A 126 5.11 15.98 -12.11
CA THR A 126 4.93 14.83 -11.23
C THR A 126 6.28 14.32 -10.78
N ILE A 127 6.28 13.68 -9.63
CA ILE A 127 7.43 12.90 -9.18
C ILE A 127 7.13 11.44 -9.48
N LYS A 128 8.14 10.69 -9.91
CA LYS A 128 7.99 9.27 -10.15
C LYS A 128 8.51 8.47 -8.96
N PHE A 129 8.04 7.23 -8.85
CA PHE A 129 8.32 6.39 -7.70
C PHE A 129 9.62 5.63 -7.93
N SER A 130 10.59 5.84 -7.05
CA SER A 130 11.74 4.97 -6.95
C SER A 130 11.43 3.78 -6.06
N ASP A 131 12.20 2.71 -6.23
CA ASP A 131 12.04 1.50 -5.43
C ASP A 131 12.70 1.75 -4.09
N SER A 132 11.88 1.95 -3.04
CA SER A 132 12.41 2.19 -1.71
C SER A 132 13.13 0.98 -1.15
N ASN A 133 12.84 -0.23 -1.67
CA ASN A 133 13.55 -1.43 -1.26
C ASN A 133 15.01 -1.37 -1.65
N ASP A 134 15.38 -0.47 -2.57
CA ASP A 134 16.72 -0.42 -3.12
C ASP A 134 17.51 0.77 -2.60
N ILE A 135 17.14 1.30 -1.46
CA ILE A 135 17.90 2.42 -0.88
C ILE A 135 18.80 1.88 0.22
N SER A 136 19.90 2.58 0.48
CA SER A 136 20.91 2.14 1.44
C SER A 136 21.25 3.27 2.39
N VAL A 137 21.52 2.91 3.65
CA VAL A 137 22.02 3.87 4.62
C VAL A 137 23.23 4.58 4.02
N GLY A 138 23.21 5.91 4.09
CA GLY A 138 24.27 6.71 3.52
C GLY A 138 23.93 7.38 2.20
N ASP A 139 22.81 7.02 1.59
CA ASP A 139 22.45 7.58 0.29
C ASP A 139 22.07 9.06 0.43
N LEU A 140 22.48 9.86 -0.55
CA LEU A 140 22.09 11.26 -0.56
C LEU A 140 20.57 11.38 -0.78
N VAL A 141 19.93 12.28 -0.04
CA VAL A 141 18.51 12.54 -0.23
C VAL A 141 18.24 14.01 -0.08
N PHE A 142 17.10 14.45 -0.61
CA PHE A 142 16.58 15.79 -0.38
C PHE A 142 15.14 15.69 0.13
N ALA A 143 14.84 16.44 1.19
CA ALA A 143 13.49 16.61 1.71
C ALA A 143 12.93 17.91 1.16
N ILE A 144 11.85 17.81 0.37
CA ILE A 144 11.24 18.96 -0.29
C ILE A 144 9.87 19.21 0.33
N GLY A 145 9.64 20.44 0.81
CA GLY A 145 8.34 20.83 1.31
C GLY A 145 7.95 22.18 0.78
N ASN A 146 6.66 22.52 0.95
CA ASN A 146 6.09 23.79 0.50
C ASN A 146 5.25 24.34 1.64
N PRO A 147 5.88 24.86 2.69
CA PRO A 147 5.14 25.09 3.94
C PRO A 147 4.09 26.19 3.80
N PHE A 148 4.35 27.19 2.99
CA PHE A 148 3.32 28.19 2.72
C PHE A 148 3.09 28.22 1.22
N GLY A 149 2.49 29.27 0.71
CA GLY A 149 2.24 29.19 -0.70
C GLY A 149 3.35 29.66 -1.61
N VAL A 150 4.54 29.93 -1.09
CA VAL A 150 5.53 30.63 -1.90
C VAL A 150 6.93 30.19 -1.53
N GLY A 151 7.58 29.51 -2.44
CA GLY A 151 8.91 29.05 -2.12
C GLY A 151 8.86 27.74 -1.40
N GLU A 152 9.82 26.90 -1.70
CA GLU A 152 9.88 25.60 -1.08
C GLU A 152 11.10 25.54 -0.17
N SER A 153 11.06 24.61 0.76
CA SER A 153 12.23 24.27 1.56
C SER A 153 12.81 22.98 1.00
N VAL A 154 14.11 22.98 0.78
CA VAL A 154 14.82 21.80 0.32
C VAL A 154 15.97 21.56 1.29
N THR A 155 15.94 20.41 1.95
CA THR A 155 16.93 20.07 2.95
C THR A 155 17.73 18.89 2.44
N GLN A 156 19.02 19.10 2.19
CA GLN A 156 19.88 18.02 1.76
C GLN A 156 20.27 17.18 2.95
N GLY A 157 20.22 15.86 2.79
CA GLY A 157 20.69 14.97 3.84
C GLY A 157 21.11 13.59 3.35
N ILE A 158 21.11 12.63 4.28
CA ILE A 158 21.39 11.24 3.96
C ILE A 158 20.37 10.35 4.65
N VAL A 159 20.20 9.14 4.11
CA VAL A 159 19.46 8.09 4.80
C VAL A 159 20.29 7.63 5.99
N SER A 160 19.74 7.72 7.19
CA SER A 160 20.48 7.23 8.37
C SER A 160 20.05 5.86 8.82
N ALA A 161 18.80 5.47 8.57
CA ALA A 161 18.34 4.12 8.91
C ALA A 161 17.19 3.77 8.00
N LEU A 162 17.08 2.48 7.74
CA LEU A 162 16.07 1.98 6.82
C LEU A 162 14.71 1.83 7.49
N ASN A 163 14.69 1.66 8.80
CA ASN A 163 13.48 1.25 9.49
C ASN A 163 13.53 1.77 10.91
N LYS A 164 12.63 2.69 11.25
CA LYS A 164 12.39 3.07 12.63
C LYS A 164 10.89 3.12 12.86
N SER A 165 10.46 2.70 14.04
CA SER A 165 9.04 2.74 14.37
C SER A 165 8.89 3.25 15.80
N GLY A 166 7.64 3.39 16.25
CA GLY A 166 7.38 3.92 17.59
C GLY A 166 7.27 5.44 17.64
N ILE A 167 7.44 6.12 16.52
CA ILE A 167 7.39 7.57 16.48
C ILE A 167 6.17 8.09 15.74
N GLY A 168 5.55 7.31 14.86
CA GLY A 168 4.43 7.82 14.09
C GLY A 168 3.16 7.87 14.91
N ILE A 169 2.14 8.52 14.34
CA ILE A 169 0.79 8.41 14.90
C ILE A 169 0.42 6.95 15.08
N ASN A 170 0.81 6.12 14.12
CA ASN A 170 0.72 4.66 14.25
C ASN A 170 2.05 4.16 14.79
N SER A 171 2.09 3.76 16.06
CA SER A 171 3.35 3.35 16.68
C SER A 171 3.97 2.14 16.00
N TYR A 172 3.21 1.43 15.17
CA TYR A 172 3.71 0.28 14.43
C TYR A 172 4.25 0.62 13.05
N GLU A 173 3.96 1.81 12.52
CA GLU A 173 4.38 2.11 11.14
C GLU A 173 5.89 2.22 11.08
N ASN A 174 6.49 1.68 10.01
CA ASN A 174 7.93 1.75 9.83
C ASN A 174 8.30 2.88 8.89
N PHE A 175 9.34 3.61 9.25
CA PHE A 175 9.77 4.75 8.46
C PHE A 175 11.23 4.64 8.08
N ILE A 176 11.57 5.23 6.94
CA ILE A 176 12.96 5.58 6.66
C ILE A 176 13.36 6.74 7.55
N GLN A 177 14.56 6.69 8.11
CA GLN A 177 15.07 7.76 8.94
C GLN A 177 16.18 8.47 8.19
N THR A 178 16.15 9.81 8.23
CA THR A 178 17.17 10.63 7.59
C THR A 178 17.73 11.60 8.61
N ASP A 179 18.78 12.34 8.23
CA ASP A 179 19.25 13.45 9.06
C ASP A 179 18.76 14.79 8.54
N ALA A 180 17.71 14.80 7.71
CA ALA A 180 17.08 16.02 7.21
C ALA A 180 15.81 16.25 8.01
N SER A 181 15.80 17.29 8.84
CA SER A 181 14.69 17.53 9.75
C SER A 181 13.38 17.73 8.99
N ILE A 182 12.31 17.15 9.51
CA ILE A 182 10.99 17.20 8.88
C ILE A 182 10.06 17.93 9.85
N ASN A 183 9.74 19.16 9.55
CA ASN A 183 8.85 19.93 10.41
C ASN A 183 7.42 19.81 9.91
N PRO A 184 6.43 20.30 10.66
CA PRO A 184 5.03 20.24 10.19
C PRO A 184 4.83 20.87 8.82
N GLY A 185 5.63 21.88 8.47
CA GLY A 185 5.62 22.48 7.16
C GLY A 185 5.90 21.52 6.01
N ASN A 186 7.09 20.91 5.99
CA ASN A 186 7.38 19.97 4.90
C ASN A 186 6.74 18.58 5.11
N SER A 187 5.90 18.41 6.14
CA SER A 187 5.20 17.14 6.31
C SER A 187 4.32 16.87 5.09
N GLY A 188 4.33 15.62 4.64
CA GLY A 188 3.59 15.25 3.44
C GLY A 188 4.29 15.57 2.14
N GLY A 189 5.45 16.22 2.19
CA GLY A 189 6.24 16.50 1.01
C GLY A 189 7.12 15.32 0.64
N ALA A 190 8.08 15.59 -0.24
CA ALA A 190 8.78 14.53 -0.97
C ALA A 190 10.16 14.25 -0.38
N LEU A 191 10.48 12.97 -0.19
CA LEU A 191 11.86 12.53 0.04
C LEU A 191 12.31 11.92 -1.28
N ILE A 192 13.29 12.54 -1.92
CA ILE A 192 13.75 12.03 -3.21
C ILE A 192 15.23 11.68 -3.11
N ASP A 193 15.63 10.68 -3.91
CA ASP A 193 17.02 10.28 -4.02
C ASP A 193 17.81 11.29 -4.86
N SER A 194 19.10 10.98 -5.09
CA SER A 194 19.96 11.87 -5.85
C SER A 194 19.52 12.00 -7.30
N ARG A 195 18.90 10.95 -7.85
CA ARG A 195 18.42 10.98 -9.22
C ARG A 195 17.14 11.79 -9.35
N GLY A 196 16.49 12.10 -8.23
CA GLY A 196 15.24 12.84 -8.26
C GLY A 196 13.98 12.01 -8.22
N GLY A 197 14.09 10.68 -8.05
CA GLY A 197 12.92 9.84 -7.88
C GLY A 197 12.49 9.76 -6.42
N LEU A 198 11.21 9.45 -6.21
CA LEU A 198 10.60 9.44 -4.89
C LEU A 198 10.95 8.17 -4.13
N VAL A 199 11.61 8.31 -2.98
CA VAL A 199 11.84 7.16 -2.10
C VAL A 199 11.04 7.25 -0.79
N GLY A 200 10.31 8.33 -0.55
CA GLY A 200 9.47 8.40 0.63
C GLY A 200 8.65 9.67 0.64
N ILE A 201 7.67 9.70 1.54
CA ILE A 201 6.83 10.86 1.80
C ILE A 201 7.16 11.34 3.21
N ASN A 202 7.71 12.56 3.32
CA ASN A 202 8.12 13.09 4.62
C ASN A 202 6.95 13.04 5.58
N THR A 203 7.25 12.75 6.84
CA THR A 203 6.21 12.67 7.85
C THR A 203 6.71 13.28 9.14
N ALA A 204 6.08 14.37 9.58
CA ALA A 204 6.52 14.99 10.82
C ALA A 204 6.08 14.13 12.00
N ILE A 205 6.92 14.05 13.01
CA ILE A 205 6.60 13.33 14.24
C ILE A 205 5.87 14.29 15.17
N ILE A 206 4.79 13.81 15.77
CA ILE A 206 3.90 14.66 16.56
C ILE A 206 3.85 14.24 18.02
N GLY A 214 18.23 17.12 14.54
CA GLY A 214 18.30 16.99 13.09
C GLY A 214 17.91 15.61 12.57
N ILE A 215 16.65 15.21 12.80
CA ILE A 215 16.16 13.88 12.47
C ILE A 215 14.86 14.00 11.68
N GLY A 216 14.75 13.22 10.61
CA GLY A 216 13.53 13.18 9.83
C GLY A 216 13.15 11.75 9.44
N PHE A 217 11.85 11.58 9.16
CA PHE A 217 11.27 10.27 8.85
C PHE A 217 10.42 10.37 7.61
N ALA A 218 10.53 9.36 6.73
CA ALA A 218 9.64 9.26 5.57
C ALA A 218 9.02 7.87 5.47
N ILE A 219 7.79 7.83 4.94
CA ILE A 219 7.09 6.59 4.65
C ILE A 219 7.66 6.03 3.35
N PRO A 220 8.16 4.78 3.34
CA PRO A 220 8.88 4.30 2.14
C PRO A 220 8.01 4.33 0.88
N SER A 221 8.63 4.69 -0.24
CA SER A 221 7.84 4.95 -1.46
C SER A 221 7.08 3.72 -1.92
N ASN A 222 7.61 2.51 -1.72
CA ASN A 222 6.89 1.32 -2.16
C ASN A 222 5.57 1.16 -1.41
N MET A 223 5.52 1.48 -0.10
CA MET A 223 4.23 1.46 0.59
C MET A 223 3.34 2.59 0.13
N VAL A 224 3.93 3.76 -0.12
CA VAL A 224 3.12 4.90 -0.56
C VAL A 224 2.42 4.55 -1.88
N LYS A 225 3.15 3.91 -2.79
CA LYS A 225 2.56 3.58 -4.09
C LYS A 225 1.42 2.59 -3.94
N ASP A 226 1.54 1.64 -3.00
CA ASP A 226 0.44 0.73 -2.71
C ASP A 226 -0.83 1.50 -2.35
N THR A 227 -0.72 2.38 -1.36
CA THR A 227 -1.86 3.14 -0.90
C THR A 227 -2.44 4.01 -2.01
N VAL A 228 -1.58 4.66 -2.80
CA VAL A 228 -2.07 5.63 -3.77
C VAL A 228 -2.87 4.93 -4.89
N THR A 229 -2.36 3.81 -5.40
CA THR A 229 -3.14 3.05 -6.41
C THR A 229 -4.50 2.65 -5.84
N GLN A 230 -4.50 2.09 -4.63
CA GLN A 230 -5.74 1.66 -4.00
C GLN A 230 -6.72 2.82 -3.84
N LEU A 231 -6.23 3.98 -3.35
CA LEU A 231 -7.10 5.13 -3.17
C LEU A 231 -7.60 5.65 -4.52
N ILE A 232 -6.71 5.80 -5.50
CA ILE A 232 -7.11 6.37 -6.77
C ILE A 232 -8.17 5.50 -7.42
N LYS A 233 -7.92 4.18 -7.47
CA LYS A 233 -8.80 3.27 -8.21
C LYS A 233 -10.10 2.98 -7.46
N THR A 234 -10.03 2.78 -6.15
CA THR A 234 -11.20 2.32 -5.40
C THR A 234 -11.66 3.28 -4.32
N GLY A 235 -10.91 4.33 -4.02
CA GLY A 235 -11.25 5.20 -2.92
C GLY A 235 -11.08 4.60 -1.54
N LYS A 236 -10.70 3.33 -1.44
CA LYS A 236 -10.61 2.62 -0.19
C LYS A 236 -9.26 1.93 -0.11
N ILE A 237 -8.85 1.64 1.13
CA ILE A 237 -7.76 0.69 1.37
C ILE A 237 -8.36 -0.66 1.71
N GLU A 238 -7.76 -1.71 1.16
CA GLU A 238 -8.13 -3.07 1.50
C GLU A 238 -6.82 -3.85 1.52
N ARG A 239 -6.27 -4.08 2.71
CA ARG A 239 -4.97 -4.72 2.81
C ARG A 239 -5.02 -5.86 3.83
N GLY A 240 -4.43 -6.98 3.46
CA GLY A 240 -4.22 -8.06 4.40
C GLY A 240 -3.45 -7.58 5.62
N TYR A 241 -3.99 -7.82 6.80
CA TYR A 241 -3.44 -7.35 8.06
C TYR A 241 -2.86 -8.53 8.83
N LEU A 242 -1.62 -8.37 9.30
CA LEU A 242 -0.93 -9.47 9.95
C LEU A 242 -0.79 -9.30 11.46
N GLY A 243 -0.43 -8.11 11.93
CA GLY A 243 -0.51 -7.79 13.34
C GLY A 243 0.79 -7.87 14.10
N VAL A 244 1.85 -7.26 13.59
CA VAL A 244 3.16 -7.38 14.20
C VAL A 244 3.94 -6.08 14.04
N GLY A 245 4.69 -5.72 15.08
CA GLY A 245 5.68 -4.65 15.00
C GLY A 245 7.05 -5.26 14.72
N LEU A 246 7.81 -4.60 13.85
CA LEU A 246 9.04 -5.15 13.29
C LEU A 246 10.20 -4.19 13.33
N GLN A 247 11.35 -4.69 13.79
CA GLN A 247 12.61 -3.96 13.86
C GLN A 247 13.61 -4.67 12.97
N ASP A 248 14.51 -3.91 12.34
CA ASP A 248 15.59 -4.51 11.58
C ASP A 248 16.70 -4.95 12.53
N LEU A 249 17.26 -6.13 12.23
CA LEU A 249 18.44 -6.66 12.91
C LEU A 249 19.66 -5.78 12.80
N SER A 250 19.70 -4.92 11.81
CA SER A 250 20.92 -4.31 11.27
C SER A 250 21.61 -3.42 12.26
N GLY A 251 21.21 -3.41 13.53
CA GLY A 251 21.98 -2.75 14.56
C GLY A 251 23.38 -3.33 14.64
N ASP A 252 23.60 -4.45 13.94
CA ASP A 252 24.91 -5.06 13.74
C ASP A 252 25.43 -5.68 15.01
N LEU A 253 24.75 -5.42 16.13
CA LEU A 253 25.11 -6.04 17.39
C LEU A 253 24.27 -7.29 17.64
N GLN A 254 22.95 -7.22 17.43
CA GLN A 254 22.21 -8.47 17.35
C GLN A 254 22.66 -9.25 16.13
N ASN A 255 22.98 -8.57 15.05
CA ASN A 255 23.37 -9.33 13.87
C ASN A 255 24.54 -10.26 14.20
N SER A 256 25.40 -9.85 15.14
CA SER A 256 26.36 -10.78 15.73
C SER A 256 25.69 -11.86 16.58
N TYR A 257 24.48 -11.63 17.09
CA TYR A 257 23.79 -12.63 17.89
C TYR A 257 23.30 -13.79 17.03
N ASP A 258 22.59 -13.53 15.90
CA ASP A 258 22.11 -14.74 15.22
C ASP A 258 22.40 -14.83 13.72
N ASN A 259 22.29 -13.73 12.97
CA ASN A 259 22.84 -13.53 11.60
C ASN A 259 22.28 -14.50 10.53
N LYS A 260 21.00 -14.32 10.20
CA LYS A 260 20.69 -14.44 8.77
C LYS A 260 19.65 -13.42 8.32
N GLU A 261 19.43 -12.39 9.14
CA GLU A 261 19.01 -11.07 8.69
C GLU A 261 17.63 -11.01 8.03
N GLY A 262 16.57 -10.98 8.85
CA GLY A 262 15.20 -10.73 8.44
C GLY A 262 14.53 -9.63 9.23
N ALA A 263 13.45 -9.91 9.97
CA ALA A 263 12.72 -8.90 10.72
C ALA A 263 12.29 -9.43 12.09
N VAL A 264 12.65 -8.72 13.16
CA VAL A 264 12.31 -9.15 14.51
C VAL A 264 11.00 -8.54 14.94
N VAL A 265 10.12 -9.36 15.52
CA VAL A 265 8.84 -8.89 16.03
C VAL A 265 9.09 -8.25 17.39
N ILE A 266 8.84 -6.95 17.49
CA ILE A 266 8.99 -6.26 18.77
C ILE A 266 7.66 -6.04 19.45
N SER A 267 6.58 -6.51 18.84
CA SER A 267 5.23 -6.32 19.35
C SER A 267 4.31 -7.25 18.58
N VAL A 268 3.39 -7.90 19.28
CA VAL A 268 2.36 -8.72 18.64
C VAL A 268 1.01 -8.10 18.98
N GLU A 269 0.23 -7.83 17.94
CA GLU A 269 -0.81 -6.80 17.97
C GLU A 269 -2.10 -7.25 18.65
N LYS A 270 -2.22 -8.52 19.08
CA LYS A 270 -3.43 -9.00 19.75
C LYS A 270 -4.57 -9.10 18.74
N ASP A 271 -5.47 -10.07 18.93
CA ASP A 271 -6.54 -10.34 17.97
C ASP A 271 -6.00 -10.30 16.55
N SER A 272 -4.83 -10.86 16.34
CA SER A 272 -4.17 -10.71 15.05
C SER A 272 -3.83 -12.08 14.54
N PRO A 273 -3.85 -12.27 13.22
CA PRO A 273 -3.40 -13.55 12.65
C PRO A 273 -2.04 -13.94 13.18
N ALA A 274 -1.29 -12.97 13.69
CA ALA A 274 -0.01 -13.24 14.31
C ALA A 274 -0.18 -13.85 15.69
N LYS A 275 -0.95 -13.18 16.56
CA LYS A 275 -1.07 -13.63 17.94
C LYS A 275 -1.53 -15.08 18.00
N LYS A 276 -2.67 -15.38 17.38
CA LYS A 276 -3.19 -16.73 17.43
C LYS A 276 -2.24 -17.73 16.81
N ALA A 277 -1.57 -17.35 15.72
CA ALA A 277 -0.57 -18.25 15.17
C ALA A 277 0.57 -18.50 16.15
N GLY A 278 0.62 -17.77 17.25
CA GLY A 278 1.56 -18.06 18.31
C GLY A 278 2.95 -17.53 18.11
N ILE A 279 3.12 -16.44 17.36
CA ILE A 279 4.45 -15.85 17.28
C ILE A 279 4.67 -14.98 18.50
N LEU A 280 5.94 -14.77 18.82
CA LEU A 280 6.37 -14.21 20.09
C LEU A 280 7.29 -13.03 19.83
N VAL A 281 7.17 -12.00 20.68
CA VAL A 281 8.16 -10.95 20.68
C VAL A 281 9.54 -11.57 20.78
N TRP A 282 10.44 -11.15 19.89
CA TRP A 282 11.84 -11.53 19.72
C TRP A 282 12.03 -12.66 18.70
N ASP A 283 10.94 -13.23 18.16
CA ASP A 283 11.04 -14.10 17.00
C ASP A 283 11.61 -13.35 15.82
N LEU A 284 12.40 -14.06 15.01
CA LEU A 284 13.04 -13.50 13.84
C LEU A 284 12.43 -14.12 12.59
N ILE A 285 11.64 -13.33 11.86
CA ILE A 285 11.09 -13.76 10.58
C ILE A 285 12.18 -13.61 9.53
N THR A 286 12.64 -14.75 8.99
CA THR A 286 13.78 -14.77 8.07
C THR A 286 13.40 -15.11 6.64
N GLU A 287 12.17 -15.55 6.39
CA GLU A 287 11.78 -15.91 5.03
C GLU A 287 10.28 -15.82 4.91
N VAL A 288 9.82 -15.35 3.74
CA VAL A 288 8.40 -15.14 3.47
C VAL A 288 7.99 -15.89 2.21
N ASN A 289 7.13 -16.89 2.40
CA ASN A 289 6.64 -17.80 1.36
C ASN A 289 7.76 -18.18 0.40
N GLY A 290 8.88 -18.61 0.96
CA GLY A 290 9.99 -19.11 0.18
C GLY A 290 11.00 -18.08 -0.25
N LYS A 291 10.76 -16.81 0.01
CA LYS A 291 11.70 -15.75 -0.35
C LYS A 291 12.38 -15.24 0.92
N LYS A 292 13.70 -15.17 0.89
CA LYS A 292 14.46 -14.57 1.98
C LYS A 292 14.05 -13.11 2.14
N VAL A 293 13.98 -12.66 3.38
CA VAL A 293 13.58 -11.29 3.68
C VAL A 293 14.82 -10.52 4.11
N LYS A 294 15.22 -9.57 3.27
CA LYS A 294 16.37 -8.73 3.62
C LYS A 294 16.13 -8.02 4.94
N ASN A 295 14.93 -7.50 5.14
CA ASN A 295 14.68 -6.59 6.27
C ASN A 295 13.17 -6.29 6.32
N THR A 296 12.80 -5.47 7.33
CA THR A 296 11.39 -5.19 7.60
C THR A 296 10.68 -4.62 6.38
N ASN A 297 11.30 -3.64 5.70
CA ASN A 297 10.63 -2.99 4.57
C ASN A 297 10.32 -3.99 3.46
N GLU A 298 11.20 -4.97 3.24
CA GLU A 298 10.89 -5.96 2.23
C GLU A 298 9.65 -6.75 2.63
N LEU A 299 9.55 -7.11 3.92
CA LEU A 299 8.42 -7.91 4.38
C LEU A 299 7.11 -7.16 4.25
N ARG A 300 7.05 -5.95 4.82
CA ARG A 300 5.79 -5.21 4.81
C ARG A 300 5.32 -4.96 3.38
N ASN A 301 6.25 -4.79 2.44
CA ASN A 301 5.89 -4.62 1.04
C ASN A 301 5.42 -5.94 0.44
N LEU A 302 5.98 -7.06 0.88
CA LEU A 302 5.47 -8.35 0.43
C LEU A 302 4.04 -8.58 0.91
N ILE A 303 3.82 -8.45 2.23
CA ILE A 303 2.49 -8.54 2.81
C ILE A 303 1.57 -7.46 2.26
N GLY A 304 2.12 -6.29 1.96
CA GLY A 304 1.29 -5.18 1.54
C GLY A 304 0.65 -5.39 0.18
N SER A 305 1.36 -6.03 -0.74
CA SER A 305 0.79 -6.31 -2.04
C SER A 305 -0.03 -7.58 -2.05
N MET A 306 -0.26 -8.16 -0.88
CA MET A 306 -1.01 -9.40 -0.73
C MET A 306 -2.45 -9.06 -0.35
N LEU A 307 -3.34 -10.00 -0.57
CA LEU A 307 -4.76 -9.72 -0.39
C LEU A 307 -5.28 -10.32 0.91
N PRO A 308 -6.38 -9.79 1.46
CA PRO A 308 -6.89 -10.32 2.73
C PRO A 308 -7.17 -11.81 2.64
N ASN A 309 -7.18 -12.44 3.82
CA ASN A 309 -7.38 -13.87 4.03
C ASN A 309 -6.64 -14.72 2.99
N GLN A 310 -5.37 -14.42 2.78
CA GLN A 310 -4.48 -15.27 2.00
C GLN A 310 -3.48 -15.95 2.94
N ARG A 311 -3.08 -17.16 2.57
CA ARG A 311 -2.14 -17.91 3.40
C ARG A 311 -0.72 -17.40 3.19
N VAL A 312 0.08 -17.50 4.26
CA VAL A 312 1.49 -17.13 4.17
C VAL A 312 2.30 -17.96 5.18
N THR A 313 3.42 -18.50 4.70
CA THR A 313 4.27 -19.42 5.44
C THR A 313 5.63 -18.75 5.70
N LEU A 314 5.98 -18.58 6.98
CA LEU A 314 7.26 -17.95 7.35
C LEU A 314 8.13 -18.86 8.18
N LYS A 315 9.44 -18.83 7.90
CA LYS A 315 10.44 -19.43 8.77
C LYS A 315 10.86 -18.41 9.83
N VAL A 316 10.88 -18.84 11.09
CA VAL A 316 11.24 -17.99 12.21
C VAL A 316 12.38 -18.64 12.99
N ILE A 317 13.30 -17.81 13.48
CA ILE A 317 14.34 -18.24 14.41
C ILE A 317 13.94 -17.77 15.80
N ARG A 318 13.93 -18.70 16.75
CA ARG A 318 13.63 -18.39 18.14
C ARG A 318 14.50 -19.25 19.03
N ASP A 319 15.22 -18.61 19.95
CA ASP A 319 16.28 -19.29 20.70
C ASP A 319 17.18 -20.05 19.75
N LYS A 320 17.24 -19.60 18.50
CA LYS A 320 17.86 -20.24 17.35
C LYS A 320 17.00 -21.40 16.84
N LYS A 321 15.99 -21.83 17.57
CA LYS A 321 15.11 -22.89 17.09
C LYS A 321 14.37 -22.40 15.85
N GLU A 322 14.71 -22.96 14.68
CA GLU A 322 13.88 -22.79 13.50
C GLU A 322 12.46 -23.25 13.81
N ARG A 323 11.48 -22.67 13.13
CA ARG A 323 10.11 -23.03 13.42
C ARG A 323 9.24 -22.65 12.24
N ALA A 324 8.16 -23.41 12.04
CA ALA A 324 7.24 -23.21 10.94
C ALA A 324 6.06 -22.38 11.41
N PHE A 325 5.55 -21.55 10.49
CA PHE A 325 4.56 -20.53 10.84
C PHE A 325 3.77 -20.19 9.57
N THR A 326 2.68 -20.91 9.35
CA THR A 326 1.75 -20.61 8.28
C THR A 326 0.47 -20.05 8.90
N LEU A 327 -0.11 -19.05 8.25
CA LEU A 327 -1.16 -18.26 8.89
C LEU A 327 -2.00 -17.61 7.80
N THR A 328 -3.18 -17.13 8.20
CA THR A 328 -4.11 -16.49 7.27
C THR A 328 -4.29 -15.02 7.67
N LEU A 329 -3.88 -14.11 6.79
CA LEU A 329 -4.07 -12.70 7.05
C LEU A 329 -5.55 -12.39 7.25
N ALA A 330 -5.81 -11.29 7.94
CA ALA A 330 -7.13 -10.73 8.13
C ALA A 330 -7.17 -9.40 7.39
N GLU A 331 -8.24 -8.65 7.57
CA GLU A 331 -8.36 -7.38 6.88
C GLU A 331 -8.59 -6.26 7.89
N GLU A 339 -22.25 -7.21 6.05
CA GLU A 339 -21.10 -6.45 5.57
C GLU A 339 -20.29 -7.30 4.61
N THR A 340 -20.98 -8.23 3.92
CA THR A 340 -20.36 -9.16 2.98
C THR A 340 -20.05 -8.43 1.67
N ILE A 341 -18.82 -7.93 1.57
CA ILE A 341 -18.51 -6.71 0.84
C ILE A 341 -17.40 -6.96 -0.19
N SER A 342 -17.10 -5.91 -0.96
CA SER A 342 -16.37 -6.00 -2.22
C SER A 342 -14.89 -6.28 -2.00
N ALA A 343 -14.15 -6.18 -3.10
CA ALA A 343 -12.71 -6.35 -3.20
C ALA A 343 -12.36 -5.98 -4.63
N GLN A 344 -11.49 -4.97 -4.80
CA GLN A 344 -11.07 -4.51 -6.12
C GLN A 344 -9.60 -4.80 -6.34
N ASN A 345 -9.20 -5.04 -7.59
CA ASN A 345 -7.80 -5.11 -7.98
C ASN A 345 -7.42 -3.86 -8.75
N GLY A 346 -6.31 -3.22 -8.37
CA GLY A 346 -5.37 -3.76 -7.41
C GLY A 346 -3.98 -3.60 -7.97
N ALA A 347 -2.95 -3.90 -7.17
CA ALA A 347 -1.55 -3.77 -7.59
C ALA A 347 -1.18 -4.81 -8.66
N GLN A 350 -2.60 -7.96 -14.71
CA GLN A 350 -3.18 -9.26 -14.39
C GLN A 350 -4.70 -9.23 -14.52
N LEU A 351 -5.35 -8.95 -13.39
CA LEU A 351 -6.80 -8.84 -13.26
C LEU A 351 -7.23 -7.47 -12.77
N ASN A 352 -6.39 -6.45 -13.00
CA ASN A 352 -6.71 -5.11 -12.53
C ASN A 352 -8.04 -4.65 -13.11
N GLY A 353 -8.86 -4.02 -12.27
CA GLY A 353 -10.16 -3.54 -12.67
C GLY A 353 -11.30 -4.47 -12.35
N LEU A 354 -11.02 -5.70 -11.92
CA LEU A 354 -12.08 -6.63 -11.54
C LEU A 354 -12.49 -6.35 -10.10
N GLN A 355 -13.79 -6.22 -9.87
CA GLN A 355 -14.32 -6.12 -8.52
C GLN A 355 -15.28 -7.27 -8.28
N VAL A 356 -15.11 -7.97 -7.17
CA VAL A 356 -15.96 -9.11 -6.85
C VAL A 356 -16.50 -9.00 -5.44
N GLU A 357 -17.56 -9.76 -5.19
CA GLU A 357 -18.08 -9.88 -3.84
C GLU A 357 -18.82 -11.21 -3.70
N ASP A 358 -19.13 -11.53 -2.46
CA ASP A 358 -19.84 -12.76 -2.14
C ASP A 358 -21.28 -12.70 -2.64
N LEU A 359 -21.80 -13.88 -2.99
CA LEU A 359 -23.21 -14.06 -3.32
C LEU A 359 -23.95 -14.33 -2.03
N THR A 360 -24.37 -13.27 -1.34
CA THR A 360 -25.15 -13.44 -0.13
C THR A 360 -26.53 -13.99 -0.44
N GLN A 361 -27.18 -14.49 0.61
CA GLN A 361 -28.52 -15.03 0.43
C GLN A 361 -29.44 -13.98 -0.17
N GLU A 362 -29.31 -12.73 0.30
CA GLU A 362 -30.18 -11.67 -0.21
C GLU A 362 -29.80 -11.28 -1.64
N THR A 363 -28.51 -11.19 -1.93
CA THR A 363 -28.07 -10.93 -3.30
C THR A 363 -28.58 -12.00 -4.25
N LYS A 364 -28.49 -13.27 -3.83
CA LYS A 364 -28.99 -14.36 -4.64
C LYS A 364 -30.48 -14.22 -4.92
N ARG A 365 -31.29 -13.81 -3.91
CA ARG A 365 -32.71 -13.77 -4.25
C ARG A 365 -33.13 -12.46 -4.89
N SER A 366 -32.43 -11.36 -4.58
CA SER A 366 -32.70 -10.11 -5.30
C SER A 366 -32.27 -10.21 -6.75
N MET A 367 -31.25 -11.02 -7.04
CA MET A 367 -30.91 -11.47 -8.38
C MET A 367 -31.71 -12.70 -8.81
N ARG A 368 -32.40 -13.36 -7.88
CA ARG A 368 -33.39 -14.38 -8.25
C ARG A 368 -32.71 -15.54 -8.95
N LEU A 369 -31.77 -16.15 -8.24
CA LEU A 369 -31.14 -17.38 -8.64
C LEU A 369 -31.33 -18.36 -7.47
N SER A 370 -31.59 -19.66 -7.71
CA SER A 370 -31.15 -20.63 -8.73
C SER A 370 -29.83 -21.04 -8.10
N ASP A 371 -29.61 -22.30 -7.74
CA ASP A 371 -30.19 -23.52 -8.31
C ASP A 371 -29.62 -24.82 -7.70
N ASP A 372 -28.33 -24.88 -7.34
CA ASP A 372 -27.51 -23.71 -6.99
C ASP A 372 -26.27 -23.31 -7.77
N VAL A 373 -26.28 -22.04 -8.18
CA VAL A 373 -25.08 -21.30 -8.56
C VAL A 373 -24.35 -20.90 -7.30
N GLN A 374 -23.07 -21.28 -7.21
CA GLN A 374 -22.24 -20.82 -6.12
C GLN A 374 -20.93 -20.30 -6.68
N GLY A 375 -20.58 -19.08 -6.27
CA GLY A 375 -19.40 -18.43 -6.80
C GLY A 375 -19.30 -17.05 -6.22
N VAL A 376 -18.46 -16.21 -6.82
CA VAL A 376 -18.40 -14.80 -6.44
C VAL A 376 -18.98 -13.96 -7.57
N LEU A 377 -19.72 -12.93 -7.19
CA LEU A 377 -20.29 -11.99 -8.14
C LEU A 377 -19.21 -11.03 -8.63
N VAL A 378 -19.13 -10.84 -9.94
CA VAL A 378 -18.34 -9.75 -10.51
C VAL A 378 -19.17 -8.48 -10.42
N SER A 379 -18.97 -7.71 -9.36
CA SER A 379 -19.83 -6.57 -9.09
C SER A 379 -19.48 -5.36 -9.95
N GLN A 380 -18.23 -5.24 -10.37
CA GLN A 380 -17.86 -4.13 -11.25
C GLN A 380 -16.64 -4.57 -12.05
N VAL A 381 -16.56 -4.11 -13.29
CA VAL A 381 -15.37 -4.24 -14.12
C VAL A 381 -15.01 -2.85 -14.61
N ASN A 382 -13.87 -2.33 -14.14
CA ASN A 382 -13.40 -1.03 -14.59
C ASN A 382 -13.29 -0.99 -16.10
N GLU A 383 -13.82 0.06 -16.71
CA GLU A 383 -13.84 0.15 -18.16
C GLU A 383 -12.43 0.16 -18.71
N ASN A 384 -12.22 -0.58 -19.79
CA ASN A 384 -10.92 -0.64 -20.47
C ASN A 384 -9.81 -1.11 -19.53
N SER A 385 -10.14 -1.97 -18.57
CA SER A 385 -9.11 -2.48 -17.66
C SER A 385 -8.65 -3.87 -18.10
N PRO A 386 -7.48 -4.32 -17.64
CA PRO A 386 -7.04 -5.70 -17.98
C PRO A 386 -8.11 -6.73 -17.69
N ALA A 387 -8.86 -6.56 -16.59
CA ALA A 387 -10.01 -7.41 -16.34
C ALA A 387 -10.99 -7.37 -17.51
N GLU A 388 -11.32 -6.17 -18.00
CA GLU A 388 -12.27 -6.08 -19.10
C GLU A 388 -11.69 -6.65 -20.38
N GLN A 389 -10.43 -6.31 -20.70
CA GLN A 389 -9.77 -6.92 -21.84
C GLN A 389 -9.85 -8.43 -21.78
N ALA A 390 -9.73 -9.00 -20.58
CA ALA A 390 -9.78 -10.45 -20.43
C ALA A 390 -11.17 -11.01 -20.68
N GLY A 391 -12.20 -10.17 -20.60
CA GLY A 391 -13.55 -10.62 -20.91
C GLY A 391 -14.47 -10.78 -19.72
N PHE A 392 -14.04 -10.37 -18.53
CA PHE A 392 -14.95 -10.33 -17.39
C PHE A 392 -15.97 -9.24 -17.61
N ARG A 393 -17.19 -9.46 -17.12
CA ARG A 393 -18.27 -8.50 -17.26
C ARG A 393 -19.07 -8.44 -15.96
N GLN A 394 -19.57 -7.25 -15.65
CA GLN A 394 -20.36 -7.05 -14.44
C GLN A 394 -21.60 -7.93 -14.45
N GLY A 395 -21.88 -8.57 -13.33
CA GLY A 395 -22.96 -9.53 -13.26
C GLY A 395 -22.56 -10.97 -13.51
N ASN A 396 -21.38 -11.20 -14.11
CA ASN A 396 -20.85 -12.56 -14.19
C ASN A 396 -20.68 -13.16 -12.81
N ILE A 397 -20.63 -14.48 -12.76
CA ILE A 397 -20.33 -15.21 -11.56
C ILE A 397 -19.13 -16.10 -11.83
N ILE A 398 -18.08 -15.93 -11.04
CA ILE A 398 -16.91 -16.82 -11.11
C ILE A 398 -17.14 -18.01 -10.20
N THR A 399 -17.12 -19.22 -10.76
CA THR A 399 -17.38 -20.41 -9.97
C THR A 399 -16.17 -21.29 -9.71
N LYS A 400 -15.21 -21.36 -10.63
CA LYS A 400 -14.04 -22.20 -10.45
C LYS A 400 -12.80 -21.48 -10.96
N ILE A 401 -11.68 -21.71 -10.29
CA ILE A 401 -10.37 -21.22 -10.70
C ILE A 401 -9.45 -22.44 -10.52
N GLU A 402 -9.08 -23.09 -11.62
CA GLU A 402 -8.37 -24.37 -11.53
C GLU A 402 -9.20 -25.28 -10.62
N GLU A 403 -8.63 -25.84 -9.54
CA GLU A 403 -9.28 -26.90 -8.79
C GLU A 403 -10.14 -26.41 -7.64
N VAL A 404 -10.07 -25.14 -7.27
CA VAL A 404 -10.86 -24.63 -6.15
C VAL A 404 -12.23 -24.21 -6.64
N GLU A 405 -13.25 -24.80 -6.04
CA GLU A 405 -14.61 -24.30 -6.18
C GLU A 405 -14.68 -22.92 -5.54
N VAL A 406 -14.78 -21.87 -6.35
CA VAL A 406 -14.92 -20.54 -5.78
C VAL A 406 -16.32 -20.43 -5.19
N LYS A 407 -16.39 -20.31 -3.86
CA LYS A 407 -17.67 -20.12 -3.18
C LYS A 407 -17.74 -18.78 -2.47
N SER A 408 -16.63 -18.09 -2.30
CA SER A 408 -16.57 -16.85 -1.54
C SER A 408 -15.36 -16.06 -2.01
N VAL A 409 -15.34 -14.77 -1.65
CA VAL A 409 -14.16 -13.95 -1.87
C VAL A 409 -12.93 -14.61 -1.24
N ALA A 410 -13.14 -15.35 -0.14
CA ALA A 410 -12.05 -16.06 0.50
C ALA A 410 -11.49 -17.18 -0.38
N ASP A 411 -12.37 -18.06 -0.88
CA ASP A 411 -11.92 -19.07 -1.83
C ASP A 411 -11.23 -18.42 -3.02
N PHE A 412 -11.81 -17.32 -3.50
CA PHE A 412 -11.25 -16.59 -4.62
C PHE A 412 -9.85 -16.09 -4.30
N ASN A 413 -9.68 -15.43 -3.15
CA ASN A 413 -8.37 -14.93 -2.76
C ASN A 413 -7.39 -16.06 -2.54
N HIS A 414 -7.86 -17.20 -2.03
CA HIS A 414 -7.00 -18.37 -1.96
C HIS A 414 -6.44 -18.71 -3.34
N ALA A 415 -7.33 -18.90 -4.32
CA ALA A 415 -6.94 -19.35 -5.64
C ALA A 415 -5.91 -18.42 -6.27
N LEU A 416 -6.08 -17.11 -6.09
CA LEU A 416 -5.08 -16.20 -6.62
C LEU A 416 -3.72 -16.48 -5.99
N GLU A 417 -3.71 -16.77 -4.68
CA GLU A 417 -2.47 -17.08 -3.99
C GLU A 417 -1.91 -18.43 -4.42
N LYS A 418 -2.78 -19.44 -4.50
CA LYS A 418 -2.32 -20.79 -4.87
C LYS A 418 -1.65 -20.79 -6.24
N TYR A 419 -2.11 -19.95 -7.16
CA TYR A 419 -1.63 -19.98 -8.54
C TYR A 419 -1.01 -18.66 -8.96
N LYS A 420 -0.55 -17.86 -8.00
CA LYS A 420 0.05 -16.58 -8.33
C LYS A 420 1.15 -16.77 -9.36
N GLY A 421 1.14 -15.92 -10.40
CA GLY A 421 2.11 -16.02 -11.46
C GLY A 421 1.95 -17.19 -12.40
N LYS A 422 0.95 -18.05 -12.19
CA LYS A 422 0.73 -19.24 -13.02
C LYS A 422 -0.58 -19.12 -13.79
N PRO A 423 -0.73 -19.85 -14.89
CA PRO A 423 -1.97 -19.74 -15.67
C PRO A 423 -3.18 -20.26 -14.91
N LYS A 424 -4.28 -19.53 -15.02
CA LYS A 424 -5.50 -19.87 -14.30
C LYS A 424 -6.64 -19.98 -15.30
N ARG A 425 -7.38 -21.09 -15.22
CA ARG A 425 -8.62 -21.26 -15.97
C ARG A 425 -9.77 -20.81 -15.08
N PHE A 426 -10.42 -19.72 -15.49
CA PHE A 426 -11.59 -19.20 -14.79
C PHE A 426 -12.85 -19.75 -15.47
N LEU A 427 -13.70 -20.44 -14.70
CA LEU A 427 -15.02 -20.81 -15.19
C LEU A 427 -15.99 -19.70 -14.78
N VAL A 428 -16.63 -19.07 -15.76
CA VAL A 428 -17.42 -17.88 -15.51
C VAL A 428 -18.81 -18.11 -16.07
N LEU A 429 -19.82 -17.90 -15.23
CA LEU A 429 -21.20 -18.03 -15.67
C LEU A 429 -21.71 -16.63 -16.00
N ASP A 430 -22.10 -16.45 -17.25
CA ASP A 430 -22.79 -15.25 -17.70
C ASP A 430 -24.26 -15.61 -17.75
N LEU A 431 -25.06 -14.94 -16.93
CA LEU A 431 -26.45 -15.38 -16.69
C LEU A 431 -27.31 -15.33 -17.95
N ASN A 432 -26.95 -14.50 -18.92
CA ASN A 432 -27.69 -14.43 -20.17
C ASN A 432 -27.03 -15.22 -21.29
N GLN A 433 -25.74 -15.52 -21.17
CA GLN A 433 -24.98 -16.05 -22.30
C GLN A 433 -24.61 -17.51 -22.12
N GLY A 434 -24.48 -17.98 -20.89
CA GLY A 434 -23.96 -19.30 -20.60
C GLY A 434 -22.57 -19.22 -20.00
N TYR A 435 -22.04 -20.40 -19.68
CA TYR A 435 -20.68 -20.47 -19.16
C TYR A 435 -19.68 -19.99 -20.21
N ARG A 436 -18.56 -19.47 -19.72
CA ARG A 436 -17.47 -18.94 -20.52
C ARG A 436 -16.16 -19.26 -19.80
N ILE A 437 -15.17 -19.73 -20.55
CA ILE A 437 -13.84 -19.97 -20.00
C ILE A 437 -12.99 -18.73 -20.23
N ILE A 438 -12.27 -18.32 -19.20
CA ILE A 438 -11.37 -17.18 -19.27
C ILE A 438 -10.03 -17.60 -18.71
N LEU A 439 -9.01 -17.62 -19.56
CA LEU A 439 -7.66 -17.98 -19.12
C LEU A 439 -6.89 -16.68 -18.88
N VAL A 440 -6.29 -16.58 -17.71
CA VAL A 440 -5.56 -15.37 -17.32
C VAL A 440 -4.13 -15.75 -17.05
N LYS A 441 -3.19 -14.97 -17.60
CA LYS A 441 -1.74 -15.16 -17.49
C LYS A 441 -1.29 -16.60 -17.23
#